data_5WJ8
#
_entry.id   5WJ8
#
_cell.length_a   74.712
_cell.length_b   74.712
_cell.length_c   213.507
_cell.angle_alpha   90.00
_cell.angle_beta   90.00
_cell.angle_gamma   120.00
#
_symmetry.space_group_name_H-M   'P 62 2 2'
#
loop_
_entity.id
_entity.type
_entity.pdbx_description
1 polymer Cadherin-23
2 non-polymer 'CALCIUM ION'
3 non-polymer 'CHLORIDE ION'
4 non-polymer 'POTASSIUM ION'
5 water water
#
_entity_poly.entity_id   1
_entity_poly.type   'polypeptide(L)'
_entity_poly.pdbx_seq_one_letter_code
;MDEAVQFSNASYEAAILENLALGTEIVRVQAYSIDNLNQITYRFNAYTSTQAKALFKIDAITGVITVQGLVDREKGDFYT
LTVVADDGGPKVDSTVKVYITVLDENDNSPRFDFTSDSAVSIPED(CSO)PVGQRVATVKAWDPDAGSNGQVVFSLASGN
IAGAFEIVTTNDSIGEVFVARPLDREELDHYILQVVASDRGTPPRKKDHILQVTILDINDNLEHHHHHH
;
_entity_poly.pdbx_strand_id   A
#
loop_
_chem_comp.id
_chem_comp.type
_chem_comp.name
_chem_comp.formula
CA non-polymer 'CALCIUM ION' 'Ca 2'
CL non-polymer 'CHLORIDE ION' 'Cl -1'
K non-polymer 'POTASSIUM ION' 'K 1'
#
# COMPACT_ATOMS: atom_id res chain seq x y z
N ALA A 4 -30.26 8.11 -31.38
CA ALA A 4 -29.00 7.43 -30.97
C ALA A 4 -28.72 7.58 -29.45
N VAL A 5 -28.83 6.47 -28.71
CA VAL A 5 -28.71 6.46 -27.23
C VAL A 5 -27.42 7.13 -26.77
N GLN A 6 -27.55 8.08 -25.83
CA GLN A 6 -26.41 8.81 -25.28
C GLN A 6 -26.32 8.64 -23.78
N PHE A 7 -25.11 8.81 -23.28
CA PHE A 7 -24.82 8.80 -21.84
C PHE A 7 -24.82 10.22 -21.26
N SER A 8 -25.08 10.31 -19.95
CA SER A 8 -25.06 11.59 -19.23
C SER A 8 -23.67 12.26 -19.20
N ASN A 9 -22.63 11.45 -19.41
CA ASN A 9 -21.25 11.87 -19.50
C ASN A 9 -20.55 11.18 -20.68
N ALA A 10 -19.58 11.88 -21.29
CA ALA A 10 -18.77 11.29 -22.37
C ALA A 10 -17.90 10.14 -21.86
N SER A 11 -17.45 10.24 -20.61
CA SER A 11 -16.78 9.14 -19.92
C SER A 11 -17.02 9.34 -18.41
N TYR A 12 -16.91 8.29 -17.61
CA TYR A 12 -17.07 8.41 -16.18
C TYR A 12 -15.72 8.13 -15.50
N GLU A 13 -15.44 8.79 -14.39
CA GLU A 13 -14.24 8.49 -13.61
C GLU A 13 -14.53 8.58 -12.11
N ALA A 14 -13.77 7.85 -11.32
CA ALA A 14 -13.85 7.97 -9.88
C ALA A 14 -12.53 7.60 -9.26
N ALA A 15 -12.16 8.33 -8.22
CA ALA A 15 -11.03 8.00 -7.36
C ALA A 15 -11.62 7.44 -6.07
N ILE A 16 -11.26 6.21 -5.73
CA ILE A 16 -11.80 5.50 -4.59
C ILE A 16 -10.65 5.07 -3.66
N LEU A 17 -10.91 5.03 -2.36
CA LEU A 17 -9.96 4.51 -1.39
C LEU A 17 -9.93 2.99 -1.50
N GLU A 18 -8.76 2.40 -1.40
CA GLU A 18 -8.69 0.94 -1.27
C GLU A 18 -9.40 0.49 0.02
N ASN A 19 -9.75 -0.79 0.07
CA ASN A 19 -10.36 -1.46 1.24
C ASN A 19 -11.83 -1.07 1.53
N LEU A 20 -12.47 -0.38 0.59
CA LEU A 20 -13.86 -0.03 0.80
C LEU A 20 -14.80 -1.22 0.85
N ALA A 21 -15.85 -1.08 1.66
CA ALA A 21 -16.77 -2.17 1.93
C ALA A 21 -17.43 -2.72 0.67
N LEU A 22 -17.72 -4.02 0.69
CA LEU A 22 -18.48 -4.64 -0.38
C LEU A 22 -19.81 -3.88 -0.47
N GLY A 23 -20.22 -3.58 -1.70
CA GLY A 23 -21.49 -2.90 -1.94
C GLY A 23 -21.35 -1.38 -2.02
N THR A 24 -20.14 -0.83 -1.79
CA THR A 24 -19.97 0.62 -1.91
C THR A 24 -20.19 1.04 -3.34
N GLU A 25 -20.99 2.08 -3.52
CA GLU A 25 -21.22 2.62 -4.83
C GLU A 25 -20.06 3.49 -5.24
N ILE A 26 -19.66 3.34 -6.50
CA ILE A 26 -18.52 3.99 -7.12
CA ILE A 26 -18.53 4.04 -7.08
C ILE A 26 -18.99 5.11 -8.05
N VAL A 27 -19.86 4.76 -8.98
CA VAL A 27 -20.47 5.71 -9.92
C VAL A 27 -21.78 5.12 -10.38
N ARG A 28 -22.63 5.99 -10.91
CA ARG A 28 -23.81 5.53 -11.62
C ARG A 28 -23.76 5.98 -13.09
N VAL A 29 -23.88 5.03 -13.99
CA VAL A 29 -23.92 5.29 -15.43
C VAL A 29 -25.41 5.47 -15.78
N GLN A 30 -25.70 6.42 -16.65
CA GLN A 30 -27.08 6.67 -17.09
C GLN A 30 -27.05 6.98 -18.55
N ALA A 31 -27.91 6.29 -19.31
CA ALA A 31 -28.07 6.57 -20.71
C ALA A 31 -29.56 6.77 -21.00
N TYR A 32 -29.84 7.43 -22.11
CA TYR A 32 -31.23 7.72 -22.50
C TYR A 32 -31.28 8.06 -23.98
N SER A 33 -32.49 7.98 -24.52
CA SER A 33 -32.78 8.48 -25.86
C SER A 33 -34.27 8.68 -25.91
N ILE A 34 -34.70 9.85 -26.37
CA ILE A 34 -36.13 10.10 -26.60
C ILE A 34 -36.76 9.04 -27.53
N ASP A 35 -36.13 8.77 -28.68
CA ASP A 35 -36.68 7.84 -29.68
C ASP A 35 -36.22 6.38 -29.44
N ASN A 36 -36.49 5.89 -28.23
CA ASN A 36 -36.15 4.53 -27.78
C ASN A 36 -37.01 4.25 -26.57
N LEU A 37 -38.04 3.41 -26.68
CA LEU A 37 -38.86 3.09 -25.50
C LEU A 37 -38.51 1.77 -24.81
N ASN A 38 -37.39 1.14 -25.15
CA ASN A 38 -36.93 -0.03 -24.37
C ASN A 38 -36.25 0.42 -23.10
N GLN A 39 -36.51 -0.29 -21.99
CA GLN A 39 -35.74 -0.19 -20.76
C GLN A 39 -34.29 -0.58 -21.04
N ILE A 40 -33.33 0.22 -20.59
CA ILE A 40 -31.91 -0.06 -20.82
C ILE A 40 -31.46 -1.13 -19.82
N THR A 41 -30.64 -2.04 -20.34
CA THR A 41 -29.89 -3.00 -19.57
C THR A 41 -28.41 -2.57 -19.63
N TYR A 42 -27.84 -2.18 -18.48
CA TYR A 42 -26.42 -1.81 -18.39
C TYR A 42 -25.58 -3.06 -18.14
N ARG A 43 -24.48 -3.21 -18.85
CA ARG A 43 -23.60 -4.38 -18.68
C ARG A 43 -22.20 -4.05 -19.13
N PHE A 44 -21.21 -4.75 -18.59
CA PHE A 44 -19.82 -4.64 -19.03
C PHE A 44 -19.63 -5.48 -20.28
N ASN A 45 -18.95 -4.96 -21.30
CA ASN A 45 -18.66 -5.79 -22.46
C ASN A 45 -17.31 -6.49 -22.28
N ALA A 46 -16.94 -7.30 -23.28
CA ALA A 46 -15.70 -8.09 -23.25
C ALA A 46 -14.40 -7.28 -23.33
N TYR A 47 -14.43 -5.98 -23.56
CA TYR A 47 -13.24 -5.12 -23.35
C TYR A 47 -12.90 -4.81 -21.88
N THR A 48 -13.79 -5.21 -20.97
CA THR A 48 -13.56 -5.07 -19.55
C THR A 48 -12.79 -6.29 -19.07
N SER A 49 -11.68 -6.08 -18.36
CA SER A 49 -10.81 -7.19 -17.95
C SER A 49 -11.50 -8.09 -16.90
N THR A 50 -11.03 -9.33 -16.81
CA THR A 50 -11.52 -10.27 -15.80
C THR A 50 -11.22 -9.72 -14.40
N GLN A 51 -10.05 -9.10 -14.25
CA GLN A 51 -9.65 -8.50 -12.98
CA GLN A 51 -9.63 -8.47 -13.00
C GLN A 51 -10.62 -7.39 -12.56
N ALA A 52 -10.98 -6.52 -13.51
CA ALA A 52 -11.94 -5.45 -13.23
C ALA A 52 -13.34 -5.98 -12.93
N LYS A 53 -13.81 -6.93 -13.72
CA LYS A 53 -15.10 -7.58 -13.45
C LYS A 53 -15.20 -8.24 -12.09
N ALA A 54 -14.08 -8.79 -11.58
CA ALA A 54 -14.06 -9.40 -10.26
C ALA A 54 -14.25 -8.36 -9.13
N LEU A 55 -13.72 -7.16 -9.32
CA LEU A 55 -13.82 -6.16 -8.26
C LEU A 55 -15.10 -5.34 -8.30
N PHE A 56 -15.66 -5.14 -9.50
CA PHE A 56 -16.78 -4.22 -9.72
C PHE A 56 -17.95 -4.88 -10.42
N LYS A 57 -19.15 -4.49 -10.04
CA LYS A 57 -20.32 -4.94 -10.77
C LYS A 57 -21.23 -3.78 -11.08
N ILE A 58 -22.01 -3.96 -12.12
CA ILE A 58 -22.93 -2.89 -12.53
C ILE A 58 -24.33 -3.46 -12.48
N ASP A 59 -25.25 -2.74 -11.84
CA ASP A 59 -26.63 -3.19 -11.79
C ASP A 59 -27.27 -3.03 -13.18
N ALA A 60 -27.95 -4.07 -13.65
CA ALA A 60 -28.54 -4.08 -14.98
C ALA A 60 -29.54 -2.95 -15.22
N ILE A 61 -30.37 -2.66 -14.23
CA ILE A 61 -31.43 -1.68 -14.36
C ILE A 61 -30.96 -0.26 -13.99
N THR A 62 -30.28 -0.13 -12.85
CA THR A 62 -29.95 1.24 -12.36
C THR A 62 -28.70 1.84 -12.95
N GLY A 63 -27.81 1.01 -13.47
CA GLY A 63 -26.50 1.48 -13.89
C GLY A 63 -25.52 1.83 -12.77
N VAL A 64 -25.87 1.48 -11.52
CA VAL A 64 -25.02 1.75 -10.36
C VAL A 64 -23.89 0.74 -10.33
N ILE A 65 -22.66 1.22 -10.25
CA ILE A 65 -21.49 0.34 -10.16
C ILE A 65 -21.10 0.25 -8.68
N THR A 66 -20.99 -0.99 -8.18
CA THR A 66 -20.65 -1.24 -6.79
C THR A 66 -19.41 -2.12 -6.71
N VAL A 67 -18.79 -2.06 -5.54
CA VAL A 67 -17.66 -2.93 -5.21
C VAL A 67 -18.14 -4.33 -4.81
N GLN A 68 -17.60 -5.36 -5.48
CA GLN A 68 -17.90 -6.74 -5.11
C GLN A 68 -16.68 -7.63 -4.79
N GLY A 69 -15.49 -7.06 -4.77
CA GLY A 69 -14.29 -7.77 -4.35
C GLY A 69 -13.46 -6.90 -3.44
N LEU A 70 -12.27 -7.41 -3.13
CA LEU A 70 -11.38 -6.79 -2.20
C LEU A 70 -10.50 -5.88 -3.02
N VAL A 71 -10.70 -4.56 -2.90
CA VAL A 71 -9.93 -3.59 -3.66
C VAL A 71 -8.64 -3.25 -2.90
N ASP A 72 -7.50 -3.64 -3.49
CA ASP A 72 -6.19 -3.53 -2.83
C ASP A 72 -5.27 -2.74 -3.73
N ARG A 73 -4.92 -1.52 -3.32
CA ARG A 73 -4.04 -0.68 -4.12
C ARG A 73 -2.68 -1.36 -4.36
N GLU A 74 -2.24 -2.16 -3.39
CA GLU A 74 -0.98 -2.90 -3.52
C GLU A 74 -1.01 -3.96 -4.66
N LYS A 75 -2.20 -4.39 -5.09
CA LYS A 75 -2.34 -5.33 -6.22
C LYS A 75 -2.72 -4.66 -7.54
N GLY A 76 -3.19 -3.42 -7.53
CA GLY A 76 -3.60 -2.72 -8.76
C GLY A 76 -4.24 -1.40 -8.40
N ASP A 77 -3.89 -0.32 -9.12
CA ASP A 77 -4.35 1.03 -8.77
C ASP A 77 -5.19 1.72 -9.86
N PHE A 78 -5.56 1.00 -10.91
CA PHE A 78 -6.28 1.62 -12.01
C PHE A 78 -7.05 0.58 -12.79
N TYR A 79 -8.31 0.84 -13.09
CA TYR A 79 -9.14 -0.11 -13.85
C TYR A 79 -10.00 0.65 -14.86
N THR A 80 -10.21 0.04 -16.01
CA THR A 80 -11.04 0.60 -17.05
C THR A 80 -12.20 -0.35 -17.32
N LEU A 81 -13.42 0.14 -17.18
CA LEU A 81 -14.62 -0.62 -17.49
C LEU A 81 -15.22 -0.06 -18.77
N THR A 82 -15.78 -0.93 -19.58
CA THR A 82 -16.57 -0.51 -20.73
C THR A 82 -18.00 -1.00 -20.53
N VAL A 83 -18.92 -0.04 -20.44
CA VAL A 83 -20.32 -0.30 -20.19
C VAL A 83 -21.11 -0.12 -21.46
N VAL A 84 -21.99 -1.10 -21.74
CA VAL A 84 -22.90 -1.01 -22.87
C VAL A 84 -24.27 -0.62 -22.34
N ALA A 85 -24.89 0.36 -22.99
CA ALA A 85 -26.30 0.66 -22.76
C ALA A 85 -27.08 -0.20 -23.76
N ASP A 86 -27.45 -1.40 -23.32
CA ASP A 86 -27.98 -2.44 -24.23
C ASP A 86 -29.50 -2.32 -24.28
N ASP A 87 -30.02 -1.95 -25.44
CA ASP A 87 -31.48 -1.81 -25.58
C ASP A 87 -32.23 -3.15 -25.78
N GLY A 88 -31.48 -4.23 -25.98
CA GLY A 88 -32.10 -5.54 -26.18
C GLY A 88 -32.81 -5.77 -27.53
N GLY A 89 -32.54 -4.88 -28.48
CA GLY A 89 -33.16 -4.92 -29.78
C GLY A 89 -32.12 -4.69 -30.86
N PRO A 90 -32.54 -4.68 -32.13
CA PRO A 90 -31.57 -4.67 -33.23
C PRO A 90 -30.73 -3.41 -33.40
N LYS A 91 -31.14 -2.28 -32.84
CA LYS A 91 -30.34 -1.06 -32.95
C LYS A 91 -28.98 -1.27 -32.28
N VAL A 92 -27.96 -0.67 -32.88
CA VAL A 92 -26.61 -0.72 -32.34
C VAL A 92 -26.60 0.06 -31.01
N ASP A 93 -25.97 -0.53 -30.01
CA ASP A 93 -25.98 -0.01 -28.65
C ASP A 93 -24.75 0.82 -28.38
N SER A 94 -24.92 1.90 -27.64
CA SER A 94 -23.81 2.78 -27.33
C SER A 94 -23.03 2.23 -26.16
N THR A 95 -21.76 2.61 -26.12
CA THR A 95 -20.90 2.26 -24.99
C THR A 95 -20.17 3.49 -24.41
N VAL A 96 -19.70 3.34 -23.18
CA VAL A 96 -18.96 4.39 -22.50
C VAL A 96 -17.88 3.77 -21.61
N LYS A 97 -16.78 4.51 -21.44
CA LYS A 97 -15.70 4.13 -20.53
C LYS A 97 -15.91 4.64 -19.11
N VAL A 98 -15.49 3.81 -18.14
CA VAL A 98 -15.44 4.18 -16.73
C VAL A 98 -14.00 3.95 -16.25
N TYR A 99 -13.36 5.02 -15.76
CA TYR A 99 -11.96 4.95 -15.29
C TYR A 99 -11.90 5.04 -13.77
N ILE A 100 -11.43 3.98 -13.14
CA ILE A 100 -11.38 3.89 -11.70
C ILE A 100 -9.94 3.92 -11.19
N THR A 101 -9.64 4.93 -10.37
CA THR A 101 -8.34 5.08 -9.74
C THR A 101 -8.46 4.68 -8.26
N VAL A 102 -7.55 3.83 -7.80
CA VAL A 102 -7.50 3.37 -6.41
C VAL A 102 -6.40 4.13 -5.67
N LEU A 103 -6.81 4.82 -4.60
CA LEU A 103 -5.94 5.65 -3.78
C LEU A 103 -5.44 4.85 -2.59
N ASP A 104 -4.28 5.25 -2.09
CA ASP A 104 -3.59 4.53 -1.03
C ASP A 104 -4.13 4.81 0.36
N GLU A 105 -4.27 3.75 1.14
CA GLU A 105 -4.39 3.79 2.60
C GLU A 105 -3.12 3.26 3.22
N ASN A 106 -2.82 3.76 4.40
CA ASN A 106 -1.67 3.28 5.15
C ASN A 106 -2.06 1.98 5.87
N ASP A 107 -2.24 0.92 5.09
CA ASP A 107 -2.80 -0.30 5.61
C ASP A 107 -1.74 -1.37 5.83
N ASN A 108 -0.47 -0.97 5.78
CA ASN A 108 0.64 -1.84 6.13
C ASN A 108 1.60 -1.15 7.07
N SER A 109 2.05 -1.91 8.07
CA SER A 109 3.17 -1.53 8.92
C SER A 109 4.45 -2.08 8.29
N PRO A 110 5.60 -1.45 8.58
CA PRO A 110 6.88 -2.05 8.21
C PRO A 110 7.00 -3.46 8.75
N ARG A 111 7.53 -4.38 7.95
CA ARG A 111 7.76 -5.75 8.36
C ARG A 111 9.26 -5.98 8.22
N PHE A 112 9.87 -6.55 9.25
CA PHE A 112 11.31 -6.82 9.21
C PHE A 112 11.60 -8.07 8.38
N ASP A 113 12.61 -7.97 7.55
CA ASP A 113 13.10 -9.11 6.78
C ASP A 113 13.76 -10.09 7.75
N PHE A 114 13.61 -11.39 7.53
CA PHE A 114 14.19 -12.39 8.45
C PHE A 114 15.73 -12.47 8.45
N THR A 115 16.38 -11.86 7.46
CA THR A 115 17.83 -11.69 7.48
C THR A 115 18.30 -10.58 8.42
N SER A 116 17.38 -9.77 8.97
CA SER A 116 17.77 -8.71 9.90
C SER A 116 18.58 -9.28 11.09
N ASP A 117 19.68 -8.62 11.46
CA ASP A 117 20.53 -9.07 12.56
C ASP A 117 19.73 -8.99 13.86
N SER A 118 19.81 -10.07 14.65
CA SER A 118 19.23 -10.18 16.01
C SER A 118 20.24 -10.18 17.16
N ALA A 119 21.44 -10.69 16.90
CA ALA A 119 22.46 -10.85 17.94
C ALA A 119 23.83 -10.75 17.30
N VAL A 120 24.63 -9.79 17.74
CA VAL A 120 26.00 -9.69 17.27
C VAL A 120 26.95 -9.53 18.44
N SER A 121 28.21 -9.89 18.24
CA SER A 121 29.27 -9.69 19.23
C SER A 121 30.35 -8.84 18.61
N ILE A 122 30.76 -7.79 19.32
CA ILE A 122 31.84 -6.95 18.82
C ILE A 122 32.82 -6.69 19.97
N PRO A 123 34.13 -6.53 19.64
CA PRO A 123 35.07 -6.22 20.71
C PRO A 123 34.90 -4.77 21.14
N GLU A 124 35.43 -4.47 22.32
CA GLU A 124 35.30 -3.12 22.89
C GLU A 124 36.03 -2.00 22.17
N ASP A 125 37.09 -2.34 21.44
CA ASP A 125 37.80 -1.35 20.65
C ASP A 125 37.20 -1.14 19.23
N CSO A 126 36.00 -1.67 18.97
CA CSO A 126 35.27 -1.45 17.73
CB CSO A 126 33.88 -2.06 17.74
SG CSO A 126 33.15 -2.11 16.13
C CSO A 126 35.25 0.03 17.50
O CSO A 126 34.74 0.78 18.29
OD CSO A 126 33.62 -3.72 15.63
N PRO A 127 35.88 0.50 16.40
CA PRO A 127 36.06 1.94 16.29
C PRO A 127 34.75 2.70 16.05
N VAL A 128 34.72 3.97 16.44
CA VAL A 128 33.60 4.87 16.16
C VAL A 128 33.47 4.95 14.65
N GLY A 129 32.27 4.71 14.12
CA GLY A 129 32.11 4.70 12.67
C GLY A 129 31.98 3.31 12.09
N GLN A 130 32.42 2.26 12.81
CA GLN A 130 32.32 0.88 12.31
C GLN A 130 30.89 0.37 12.23
N ARG A 131 30.52 -0.12 11.05
CA ARG A 131 29.25 -0.81 10.82
C ARG A 131 29.19 -2.12 11.59
N VAL A 132 28.22 -2.23 12.50
CA VAL A 132 28.13 -3.33 13.47
C VAL A 132 26.98 -4.30 13.22
N ALA A 133 25.91 -3.82 12.61
CA ALA A 133 24.79 -4.68 12.25
C ALA A 133 23.96 -4.07 11.14
N THR A 134 23.13 -4.93 10.57
CA THR A 134 22.23 -4.52 9.51
C THR A 134 20.85 -5.09 9.78
N VAL A 135 19.84 -4.24 9.58
CA VAL A 135 18.42 -4.67 9.56
C VAL A 135 17.80 -4.23 8.24
N LYS A 136 16.71 -4.89 7.89
CA LYS A 136 15.99 -4.59 6.68
C LYS A 136 14.48 -4.68 6.93
N ALA A 137 13.73 -3.70 6.45
CA ALA A 137 12.27 -3.75 6.53
C ALA A 137 11.65 -3.31 5.22
N TRP A 138 10.43 -3.77 4.98
CA TRP A 138 9.68 -3.52 3.75
CA TRP A 138 9.70 -3.44 3.77
C TRP A 138 8.30 -2.95 4.14
N ASP A 139 7.84 -1.94 3.40
CA ASP A 139 6.49 -1.42 3.54
C ASP A 139 5.98 -1.15 2.13
N PRO A 140 4.96 -1.92 1.68
CA PRO A 140 4.45 -1.84 0.31
C PRO A 140 3.50 -0.67 -0.01
N ASP A 141 3.18 0.19 0.94
CA ASP A 141 2.29 1.33 0.67
C ASP A 141 2.98 2.37 -0.23
N ALA A 142 2.21 3.31 -0.77
CA ALA A 142 2.71 4.33 -1.67
C ALA A 142 3.21 5.56 -0.93
N GLY A 143 4.13 6.28 -1.58
CA GLY A 143 4.64 7.56 -1.13
C GLY A 143 5.17 7.47 0.29
N SER A 144 4.85 8.49 1.07
CA SER A 144 5.19 8.53 2.51
C SER A 144 4.74 7.31 3.31
N ASN A 145 3.56 6.78 3.02
CA ASN A 145 3.01 5.61 3.73
C ASN A 145 3.90 4.38 3.68
N GLY A 146 4.73 4.30 2.63
CA GLY A 146 5.62 3.16 2.41
C GLY A 146 7.10 3.45 2.60
N GLN A 147 7.45 4.68 2.96
CA GLN A 147 8.84 5.03 3.31
C GLN A 147 9.16 4.64 4.73
N VAL A 148 10.26 3.94 4.95
CA VAL A 148 10.67 3.46 6.27
C VAL A 148 11.82 4.31 6.81
N VAL A 149 11.73 4.66 8.09
CA VAL A 149 12.79 5.30 8.89
C VAL A 149 13.05 4.46 10.13
N PHE A 150 14.33 4.28 10.44
CA PHE A 150 14.74 3.49 11.60
C PHE A 150 15.18 4.35 12.77
N SER A 151 14.97 3.82 13.97
CA SER A 151 15.43 4.49 15.18
C SER A 151 15.85 3.46 16.21
N LEU A 152 16.67 3.88 17.16
CA LEU A 152 17.03 3.05 18.31
C LEU A 152 16.25 3.63 19.51
N ALA A 153 15.08 3.06 19.75
CA ALA A 153 14.12 3.67 20.66
C ALA A 153 14.39 3.46 22.15
N SER A 154 15.06 2.37 22.49
CA SER A 154 15.43 2.10 23.88
C SER A 154 16.67 1.22 23.89
N GLY A 155 17.31 1.18 25.06
CA GLY A 155 18.44 0.31 25.28
C GLY A 155 19.77 0.80 24.74
N ASN A 156 19.78 1.96 24.10
CA ASN A 156 20.99 2.54 23.48
C ASN A 156 21.71 3.40 24.52
N ILE A 157 22.24 2.72 25.54
CA ILE A 157 22.76 3.41 26.72
C ILE A 157 23.92 4.32 26.34
N ALA A 158 23.85 5.58 26.77
CA ALA A 158 24.89 6.59 26.50
C ALA A 158 25.09 6.97 25.02
N GLY A 159 24.14 6.65 24.15
CA GLY A 159 24.28 6.91 22.71
C GLY A 159 25.42 6.13 22.06
N ALA A 160 25.66 4.91 22.54
CA ALA A 160 26.76 4.07 22.07
C ALA A 160 26.66 3.83 20.57
N PHE A 161 25.44 3.54 20.10
CA PHE A 161 25.17 3.25 18.68
C PHE A 161 24.29 4.27 18.00
N GLU A 162 24.36 4.26 16.66
CA GLU A 162 23.45 5.04 15.85
C GLU A 162 22.99 4.15 14.71
N ILE A 163 21.85 4.50 14.11
CA ILE A 163 21.28 3.72 13.01
C ILE A 163 21.05 4.69 11.86
N VAL A 164 21.50 4.32 10.66
CA VAL A 164 21.33 5.15 9.47
C VAL A 164 20.35 4.44 8.57
N THR A 165 19.43 5.19 7.97
CA THR A 165 18.45 4.61 7.08
C THR A 165 18.89 4.86 5.64
N THR A 166 18.91 3.81 4.82
CA THR A 166 19.15 3.99 3.37
C THR A 166 18.06 3.35 2.54
N ASN A 167 17.71 4.01 1.44
CA ASN A 167 16.73 3.53 0.48
C ASN A 167 15.38 3.20 1.06
N ASP A 168 15.01 3.83 2.19
CA ASP A 168 13.72 3.60 2.89
C ASP A 168 13.49 2.11 3.20
N SER A 169 14.54 1.40 3.57
CA SER A 169 14.47 -0.07 3.71
C SER A 169 15.57 -0.68 4.59
N ILE A 170 16.80 -0.20 4.45
CA ILE A 170 17.96 -0.75 5.16
C ILE A 170 18.35 0.14 6.33
N GLY A 171 18.54 -0.52 7.48
CA GLY A 171 18.99 0.13 8.68
C GLY A 171 20.39 -0.34 9.01
N GLU A 172 21.32 0.60 8.99
CA GLU A 172 22.73 0.33 9.26
C GLU A 172 23.12 0.83 10.65
N VAL A 173 23.54 -0.10 11.50
CA VAL A 173 23.91 0.19 12.89
C VAL A 173 25.42 0.37 12.96
N PHE A 174 25.86 1.54 13.44
CA PHE A 174 27.27 1.88 13.59
C PHE A 174 27.62 2.17 15.04
N VAL A 175 28.89 2.03 15.39
CA VAL A 175 29.39 2.53 16.66
C VAL A 175 29.42 4.06 16.62
N ALA A 176 28.74 4.71 17.54
CA ALA A 176 28.67 6.18 17.59
C ALA A 176 29.61 6.80 18.61
N ARG A 177 29.98 6.05 19.64
CA ARG A 177 30.84 6.53 20.72
C ARG A 177 31.70 5.38 21.22
N PRO A 178 32.88 5.66 21.82
CA PRO A 178 33.73 4.55 22.22
C PRO A 178 33.06 3.62 23.23
N LEU A 179 33.31 2.32 23.12
CA LEU A 179 32.69 1.32 24.00
C LEU A 179 33.62 0.96 25.15
N ASP A 180 33.07 0.40 26.21
CA ASP A 180 33.88 0.05 27.38
C ASP A 180 33.16 -1.11 28.06
N ARG A 181 33.74 -2.29 27.91
CA ARG A 181 33.16 -3.53 28.37
C ARG A 181 32.86 -3.56 29.90
N GLU A 182 33.76 -3.01 30.70
CA GLU A 182 33.59 -2.93 32.18
C GLU A 182 32.46 -1.97 32.55
N GLU A 183 32.35 -0.87 31.82
CA GLU A 183 31.23 0.08 31.92
C GLU A 183 29.91 -0.60 31.54
N LEU A 184 29.86 -1.24 30.37
CA LEU A 184 28.66 -1.95 29.92
C LEU A 184 28.97 -3.00 28.88
N ASP A 185 28.64 -4.27 29.14
CA ASP A 185 29.05 -5.38 28.24
C ASP A 185 27.97 -5.98 27.35
N HIS A 186 26.77 -5.40 27.36
CA HIS A 186 25.66 -6.00 26.67
C HIS A 186 24.59 -4.95 26.47
N TYR A 187 24.06 -4.87 25.24
CA TYR A 187 22.98 -3.94 24.91
C TYR A 187 21.79 -4.70 24.35
N ILE A 188 20.58 -4.32 24.77
CA ILE A 188 19.33 -4.78 24.18
C ILE A 188 18.72 -3.57 23.44
N LEU A 189 19.00 -3.46 22.15
CA LEU A 189 18.56 -2.33 21.34
C LEU A 189 17.17 -2.63 20.81
N GLN A 190 16.23 -1.72 21.06
CA GLN A 190 14.89 -1.77 20.42
C GLN A 190 14.98 -0.96 19.13
N VAL A 191 15.14 -1.68 18.00
CA VAL A 191 15.17 -1.07 16.68
C VAL A 191 13.71 -0.89 16.27
N VAL A 192 13.33 0.35 15.99
CA VAL A 192 11.97 0.64 15.51
C VAL A 192 12.07 1.05 14.03
N ALA A 193 11.28 0.39 13.19
CA ALA A 193 11.03 0.79 11.83
C ALA A 193 9.67 1.46 11.82
N SER A 194 9.64 2.71 11.40
CA SER A 194 8.43 3.46 11.31
C SER A 194 8.21 3.87 9.85
N ASP A 195 6.97 3.84 9.37
CA ASP A 195 6.69 4.47 8.08
C ASP A 195 6.51 5.97 8.29
N ARG A 196 6.27 6.73 7.23
CA ARG A 196 5.99 8.15 7.34
C ARG A 196 4.54 8.48 7.03
N GLY A 197 3.61 7.59 7.38
CA GLY A 197 2.19 7.92 7.35
C GLY A 197 1.84 8.93 8.44
N THR A 198 0.62 9.43 8.38
CA THR A 198 0.07 10.35 9.38
C THR A 198 -1.20 9.73 9.95
N PRO A 199 -1.17 9.07 11.11
CA PRO A 199 -0.02 8.85 11.97
C PRO A 199 0.90 7.72 11.48
N PRO A 200 2.18 7.71 11.92
CA PRO A 200 3.08 6.65 11.50
C PRO A 200 2.69 5.29 12.06
N ARG A 201 2.95 4.23 11.30
CA ARG A 201 2.82 2.86 11.77
C ARG A 201 4.23 2.37 12.03
N LYS A 202 4.36 1.55 13.06
CA LYS A 202 5.66 1.18 13.60
C LYS A 202 5.74 -0.31 13.92
N LYS A 203 6.96 -0.86 13.83
CA LYS A 203 7.24 -2.23 14.19
C LYS A 203 8.60 -2.29 14.88
N ASP A 204 8.72 -3.13 15.89
CA ASP A 204 9.97 -3.28 16.66
C ASP A 204 10.73 -4.51 16.24
N HIS A 205 12.04 -4.45 16.45
CA HIS A 205 12.93 -5.58 16.27
C HIS A 205 14.05 -5.47 17.31
N ILE A 206 14.29 -6.55 18.03
CA ILE A 206 15.30 -6.57 19.06
C ILE A 206 16.64 -6.96 18.44
N LEU A 207 17.63 -6.13 18.70
CA LEU A 207 19.03 -6.37 18.30
C LEU A 207 19.88 -6.32 19.55
N GLN A 208 20.44 -7.47 19.92
CA GLN A 208 21.30 -7.61 21.11
C GLN A 208 22.77 -7.52 20.69
N VAL A 209 23.55 -6.70 21.40
CA VAL A 209 24.98 -6.50 21.10
C VAL A 209 25.76 -6.92 22.34
N THR A 210 26.62 -7.93 22.18
CA THR A 210 27.57 -8.35 23.21
C THR A 210 28.90 -7.65 22.98
N ILE A 211 29.51 -7.18 24.07
CA ILE A 211 30.85 -6.60 23.97
C ILE A 211 31.86 -7.65 24.44
N LEU A 212 32.78 -8.03 23.55
CA LEU A 212 33.77 -9.06 23.86
C LEU A 212 35.04 -8.48 24.48
N ASP A 213 35.79 -9.37 25.16
CA ASP A 213 37.14 -9.04 25.63
C ASP A 213 38.12 -9.24 24.47
CA CA B . -29.30 -3.33 -29.46
CA CA C . -3.77 -2.71 0.55
CA CA D . -1.84 0.71 0.97
CA CA E . 2.80 1.74 5.68
CL CL F . -23.00 9.21 -9.98
K K G . -26.93 6.81 -6.80
#